data_5UHQ
#
_entry.id   5UHQ
#
_cell.length_a   63.709
_cell.length_b   189.014
_cell.length_c   90.858
_cell.angle_alpha   90.00
_cell.angle_beta   90.00
_cell.angle_gamma   90.00
#
_symmetry.space_group_name_H-M   'C 2 2 21'
#
_entity_poly.entity_id   1
_entity_poly.type   'polypeptide(L)'
_entity_poly.pdbx_seq_one_letter_code
;MENLIGYVAAFLTTVSFLPAVLRVVMTKQTRDISRNMYIMFFLGVVLWFVYGILRSDLPIILANVVTLFFVTIILYYKLT
EGNQTGSLEVLFQ
;
_entity_poly.pdbx_strand_id   A,B,C,D
#
# COMPACT_ATOMS: atom_id res chain seq x y z
N MET A 1 19.56 -18.04 -3.50
CA MET A 1 19.77 -18.08 -2.06
C MET A 1 18.37 -17.82 -1.48
N GLU A 2 18.17 -17.85 -0.16
CA GLU A 2 16.78 -17.84 0.30
C GLU A 2 16.09 -16.47 0.09
N ASN A 3 16.86 -15.39 0.21
CA ASN A 3 16.30 -14.07 0.05
C ASN A 3 16.05 -13.84 -1.43
N LEU A 4 16.95 -14.36 -2.23
CA LEU A 4 16.84 -14.22 -3.68
C LEU A 4 15.60 -14.92 -4.21
N ILE A 5 15.36 -16.15 -3.76
CA ILE A 5 14.18 -16.90 -4.18
C ILE A 5 12.89 -16.22 -3.75
N GLY A 6 12.86 -15.72 -2.52
CA GLY A 6 11.68 -15.06 -1.98
C GLY A 6 11.28 -13.81 -2.73
N TYR A 7 12.27 -12.97 -3.06
CA TYR A 7 12.01 -11.74 -3.81
C TYR A 7 11.57 -12.04 -5.23
N VAL A 8 12.21 -13.01 -5.87
CA VAL A 8 11.82 -13.41 -7.23
C VAL A 8 10.39 -13.96 -7.21
N ALA A 9 10.06 -14.71 -6.16
CA ALA A 9 8.71 -15.21 -6.00
C ALA A 9 7.76 -14.02 -5.83
N ALA A 10 8.18 -13.07 -5.00
CA ALA A 10 7.39 -11.87 -4.74
C ALA A 10 7.18 -11.08 -6.04
N PHE A 11 8.22 -11.02 -6.85
CA PHE A 11 8.15 -10.31 -8.13
C PHE A 11 7.14 -10.98 -9.06
N LEU A 12 7.26 -12.30 -9.20
CA LEU A 12 6.42 -13.06 -10.14
C LEU A 12 4.95 -12.98 -9.75
N THR A 13 4.68 -13.13 -8.46
CA THR A 13 3.31 -13.10 -7.94
C THR A 13 2.65 -11.75 -8.18
N THR A 14 3.34 -10.67 -7.84
CA THR A 14 2.79 -9.32 -7.95
C THR A 14 2.62 -8.84 -9.40
N VAL A 15 3.64 -9.04 -10.21
CA VAL A 15 3.62 -8.56 -11.59
C VAL A 15 2.55 -9.28 -12.44
N SER A 16 2.15 -10.47 -12.02
CA SER A 16 1.08 -11.18 -12.71
C SER A 16 -0.21 -10.34 -12.68
N PHE A 17 -0.40 -9.60 -11.59
CA PHE A 17 -1.53 -8.69 -11.46
C PHE A 17 -1.37 -7.40 -12.27
N LEU A 18 -0.14 -7.14 -12.73
CA LEU A 18 0.15 -5.90 -13.45
C LEU A 18 -0.68 -5.69 -14.73
N PRO A 19 -0.80 -6.72 -15.59
CA PRO A 19 -1.60 -6.46 -16.80
C PRO A 19 -3.04 -6.02 -16.50
N ALA A 20 -3.62 -6.54 -15.42
CA ALA A 20 -4.96 -6.18 -15.06
C ALA A 20 -5.08 -4.70 -14.65
N VAL A 21 -4.15 -4.20 -13.84
CA VAL A 21 -4.25 -2.81 -13.39
C VAL A 21 -4.09 -1.87 -14.58
N LEU A 22 -3.24 -2.24 -15.53
CA LEU A 22 -3.03 -1.41 -16.72
C LEU A 22 -4.29 -1.28 -17.57
N ARG A 23 -5.08 -2.35 -17.70
CA ARG A 23 -6.31 -2.25 -18.46
C ARG A 23 -7.41 -1.50 -17.71
N VAL A 24 -7.43 -1.61 -16.39
CA VAL A 24 -8.41 -0.88 -15.60
C VAL A 24 -8.16 0.64 -15.57
N VAL A 25 -6.91 1.03 -15.45
CA VAL A 25 -6.52 2.44 -15.44
C VAL A 25 -6.64 3.09 -16.82
N MET A 26 -6.60 2.26 -17.86
CA MET A 26 -6.56 2.72 -19.25
C MET A 26 -7.78 3.49 -19.73
N THR A 27 -7.52 4.55 -20.48
CA THR A 27 -8.56 5.41 -21.05
C THR A 27 -9.25 4.57 -22.11
N LYS A 28 -10.54 4.32 -21.96
CA LYS A 28 -11.18 3.42 -22.91
C LYS A 28 -12.39 3.98 -23.65
N GLN A 29 -12.45 3.63 -24.93
CA GLN A 29 -13.45 4.07 -25.89
C GLN A 29 -14.96 4.09 -25.61
N THR A 30 -15.45 2.95 -25.14
CA THR A 30 -16.87 2.65 -25.23
C THR A 30 -17.67 2.58 -23.96
N ARG A 31 -17.22 3.31 -22.95
CA ARG A 31 -18.05 3.69 -21.82
C ARG A 31 -19.55 3.34 -21.80
N ASP A 32 -20.21 3.86 -22.85
CA ASP A 32 -21.66 3.83 -23.00
C ASP A 32 -22.10 3.48 -24.42
N ILE A 33 -21.12 3.14 -25.29
CA ILE A 33 -21.45 2.50 -26.58
C ILE A 33 -22.12 1.16 -26.22
N SER A 34 -21.69 0.50 -25.14
CA SER A 34 -22.37 -0.73 -24.73
C SER A 34 -23.73 -0.28 -24.17
N ARG A 35 -23.76 0.94 -23.62
CA ARG A 35 -25.00 1.55 -23.14
C ARG A 35 -25.87 2.01 -24.32
N ASN A 36 -25.20 2.49 -25.36
CA ASN A 36 -25.87 2.95 -26.58
C ASN A 36 -26.60 1.82 -27.29
N MET A 37 -26.05 0.61 -27.20
CA MET A 37 -26.69 -0.56 -27.79
C MET A 37 -28.06 -0.72 -27.17
N TYR A 38 -28.10 -0.57 -25.86
CA TYR A 38 -29.32 -0.74 -25.08
C TYR A 38 -30.35 0.32 -25.44
N ILE A 39 -29.86 1.55 -25.59
CA ILE A 39 -30.70 2.68 -25.95
C ILE A 39 -31.31 2.48 -27.32
N MET A 40 -30.48 2.05 -28.26
CA MET A 40 -30.88 1.80 -29.64
C MET A 40 -31.94 0.70 -29.67
N PHE A 41 -31.65 -0.36 -28.92
CA PHE A 41 -32.52 -1.52 -28.80
C PHE A 41 -33.84 -1.10 -28.17
N PHE A 42 -33.75 -0.18 -27.21
CA PHE A 42 -34.90 0.35 -26.49
C PHE A 42 -35.81 1.08 -27.48
N LEU A 43 -35.22 1.88 -28.34
CA LEU A 43 -35.99 2.57 -29.38
C LEU A 43 -36.65 1.55 -30.30
N GLY A 44 -35.92 0.48 -30.59
CA GLY A 44 -36.42 -0.57 -31.46
C GLY A 44 -37.66 -1.28 -30.95
N VAL A 45 -37.69 -1.60 -29.65
CA VAL A 45 -38.84 -2.28 -29.07
C VAL A 45 -40.05 -1.35 -29.07
N VAL A 46 -39.81 -0.06 -28.87
CA VAL A 46 -40.88 0.93 -28.90
C VAL A 46 -41.57 0.95 -30.25
N LEU A 47 -40.79 0.98 -31.33
CA LEU A 47 -41.36 0.93 -32.67
C LEU A 47 -41.99 -0.42 -32.95
N TRP A 48 -41.37 -1.48 -32.44
CA TRP A 48 -41.92 -2.81 -32.59
C TRP A 48 -43.28 -2.88 -31.90
N PHE A 49 -43.37 -2.23 -30.75
CA PHE A 49 -44.62 -2.18 -30.02
C PHE A 49 -45.71 -1.45 -30.79
N VAL A 50 -45.37 -0.26 -31.28
CA VAL A 50 -46.30 0.53 -32.08
C VAL A 50 -46.73 -0.28 -33.30
N TYR A 51 -45.76 -1.00 -33.85
CA TYR A 51 -46.01 -1.86 -35.01
C TYR A 51 -46.99 -2.96 -34.63
N GLY A 52 -46.79 -3.54 -33.45
CA GLY A 52 -47.65 -4.60 -32.95
C GLY A 52 -49.06 -4.09 -32.73
N ILE A 53 -49.15 -2.87 -32.22
CA ILE A 53 -50.44 -2.24 -31.95
C ILE A 53 -51.24 -1.98 -33.23
N LEU A 54 -50.57 -1.41 -34.23
CA LEU A 54 -51.22 -1.05 -35.48
C LEU A 54 -51.75 -2.26 -36.24
N ARG A 55 -51.18 -3.42 -35.99
CA ARG A 55 -51.61 -4.62 -36.69
C ARG A 55 -52.43 -5.52 -35.79
N SER A 56 -52.63 -5.07 -34.55
CA SER A 56 -53.37 -5.85 -33.55
C SER A 56 -52.76 -7.24 -33.41
N ASP A 57 -51.44 -7.29 -33.41
CA ASP A 57 -50.71 -8.55 -33.30
C ASP A 57 -50.23 -8.71 -31.86
N LEU A 58 -51.00 -9.46 -31.08
CA LEU A 58 -50.70 -9.65 -29.66
C LEU A 58 -49.40 -10.40 -29.35
N PRO A 59 -49.09 -11.47 -30.11
CA PRO A 59 -47.81 -12.15 -29.83
C PRO A 59 -46.62 -11.21 -29.98
N ILE A 60 -46.65 -10.35 -30.99
CA ILE A 60 -45.61 -9.36 -31.17
C ILE A 60 -45.60 -8.41 -29.98
N ILE A 61 -46.79 -7.97 -29.60
CA ILE A 61 -46.95 -7.03 -28.49
C ILE A 61 -46.48 -7.61 -27.16
N LEU A 62 -46.89 -8.84 -26.86
CA LEU A 62 -46.51 -9.49 -25.61
C LEU A 62 -45.00 -9.65 -25.52
N ALA A 63 -44.40 -10.10 -26.63
CA ALA A 63 -42.98 -10.37 -26.69
C ALA A 63 -42.21 -9.10 -26.39
N ASN A 64 -42.65 -8.00 -27.01
CA ASN A 64 -42.00 -6.70 -26.81
C ASN A 64 -42.21 -6.15 -25.40
N VAL A 65 -43.34 -6.44 -24.77
CA VAL A 65 -43.56 -6.01 -23.40
C VAL A 65 -42.52 -6.68 -22.52
N VAL A 66 -42.33 -7.98 -22.73
CA VAL A 66 -41.34 -8.75 -21.98
C VAL A 66 -39.95 -8.25 -22.32
N THR A 67 -39.71 -8.00 -23.60
CA THR A 67 -38.42 -7.49 -24.04
C THR A 67 -38.16 -6.10 -23.47
N LEU A 68 -39.22 -5.29 -23.37
CA LEU A 68 -39.10 -3.96 -22.78
C LEU A 68 -38.68 -4.06 -21.31
N PHE A 69 -39.22 -5.05 -20.60
CA PHE A 69 -38.81 -5.26 -19.23
C PHE A 69 -37.33 -5.60 -19.16
N PHE A 70 -36.89 -6.51 -20.03
CA PHE A 70 -35.52 -6.98 -20.02
C PHE A 70 -34.52 -5.85 -20.26
N VAL A 71 -34.75 -5.06 -21.31
CA VAL A 71 -33.81 -4.01 -21.61
C VAL A 71 -33.82 -2.95 -20.51
N THR A 72 -35.00 -2.65 -19.96
CA THR A 72 -35.12 -1.67 -18.89
C THR A 72 -34.39 -2.10 -17.62
N ILE A 73 -34.50 -3.38 -17.26
CA ILE A 73 -33.79 -3.93 -16.11
C ILE A 73 -32.28 -3.81 -16.30
N ILE A 74 -31.82 -4.27 -17.46
CA ILE A 74 -30.41 -4.20 -17.82
C ILE A 74 -29.94 -2.75 -17.87
N LEU A 75 -30.77 -1.89 -18.44
CA LEU A 75 -30.45 -0.48 -18.60
C LEU A 75 -30.50 0.25 -17.27
N TYR A 76 -31.11 -0.37 -16.25
CA TYR A 76 -31.16 0.28 -14.96
C TYR A 76 -29.99 -0.17 -14.11
N TYR A 77 -29.41 -1.31 -14.45
CA TYR A 77 -28.21 -1.78 -13.75
C TYR A 77 -26.95 -1.15 -14.33
N LYS A 78 -26.95 -0.91 -15.64
CA LYS A 78 -25.85 -0.20 -16.27
C LYS A 78 -25.74 1.22 -15.72
N LEU A 79 -26.87 1.92 -15.66
CA LEU A 79 -26.88 3.28 -15.13
C LEU A 79 -26.65 3.32 -13.61
N THR A 80 -26.94 2.21 -12.93
CA THR A 80 -26.79 2.12 -11.47
C THR A 80 -25.34 1.94 -11.04
N GLU A 81 -24.59 1.11 -11.75
CA GLU A 81 -23.17 0.89 -11.44
C GLU A 81 -22.43 2.22 -11.61
N GLY A 82 -21.38 2.42 -10.82
CA GLY A 82 -20.76 3.73 -10.75
C GLY A 82 -19.26 3.82 -10.92
N ASN A 83 -18.82 3.81 -12.18
CA ASN A 83 -17.44 4.17 -12.53
C ASN A 83 -16.32 3.40 -11.84
N GLN A 84 -16.64 2.23 -11.28
CA GLN A 84 -15.63 1.36 -10.69
C GLN A 84 -15.91 -0.08 -11.07
N THR A 85 -14.86 -0.85 -11.37
CA THR A 85 -15.01 -2.25 -11.77
C THR A 85 -15.70 -3.05 -10.68
N GLY A 86 -15.33 -2.80 -9.43
CA GLY A 86 -16.03 -3.35 -8.28
C GLY A 86 -15.85 -4.84 -8.01
N SER A 87 -15.20 -5.55 -8.94
CA SER A 87 -14.96 -6.98 -8.77
C SER A 87 -13.63 -7.35 -9.39
N LEU A 88 -13.06 -8.47 -8.96
CA LEU A 88 -11.83 -8.99 -9.55
C LEU A 88 -12.13 -9.85 -10.77
N GLU A 89 -13.34 -9.68 -11.31
CA GLU A 89 -13.79 -10.43 -12.49
C GLU A 89 -12.95 -10.09 -13.72
N VAL A 90 -12.38 -8.89 -13.73
CA VAL A 90 -11.49 -8.45 -14.80
C VAL A 90 -10.27 -9.38 -14.94
N LEU A 91 -9.74 -9.80 -13.80
CA LEU A 91 -8.55 -10.66 -13.75
C LEU A 91 -8.70 -11.94 -14.54
N PHE A 92 -9.89 -12.51 -14.50
CA PHE A 92 -10.05 -13.86 -14.99
C PHE A 92 -10.81 -13.98 -16.30
N GLN A 93 -11.74 -13.07 -16.58
CA GLN A 93 -12.56 -13.32 -17.76
C GLN A 93 -12.51 -12.09 -18.64
N MET B 1 -54.53 -23.05 -34.10
CA MET B 1 -54.39 -21.61 -33.95
C MET B 1 -52.93 -21.12 -34.09
N GLU B 2 -52.64 -20.34 -35.13
CA GLU B 2 -51.28 -19.77 -35.33
C GLU B 2 -50.94 -18.60 -34.38
N ASN B 3 -51.91 -18.02 -33.66
CA ASN B 3 -51.50 -17.05 -32.64
C ASN B 3 -50.79 -17.87 -31.57
N LEU B 4 -51.22 -19.11 -31.44
CA LEU B 4 -50.56 -20.06 -30.56
C LEU B 4 -49.11 -20.21 -31.05
N ILE B 5 -48.92 -20.29 -32.38
CA ILE B 5 -47.58 -20.35 -32.94
C ILE B 5 -46.85 -19.07 -32.54
N GLY B 6 -47.55 -17.95 -32.62
CA GLY B 6 -46.98 -16.67 -32.25
C GLY B 6 -46.55 -16.62 -30.79
N TYR B 7 -47.38 -17.16 -29.91
CA TYR B 7 -47.08 -17.16 -28.48
C TYR B 7 -45.89 -18.03 -28.15
N VAL B 8 -45.88 -19.23 -28.72
CA VAL B 8 -44.79 -20.18 -28.52
C VAL B 8 -43.49 -19.61 -29.07
N ALA B 9 -43.58 -18.94 -30.21
CA ALA B 9 -42.41 -18.28 -30.78
C ALA B 9 -41.96 -17.16 -29.86
N ALA B 10 -42.92 -16.35 -29.43
CA ALA B 10 -42.64 -15.22 -28.53
C ALA B 10 -42.08 -15.71 -27.21
N PHE B 11 -42.62 -16.83 -26.73
CA PHE B 11 -42.16 -17.42 -25.49
C PHE B 11 -40.73 -17.88 -25.61
N LEU B 12 -40.43 -18.63 -26.67
CA LEU B 12 -39.11 -19.21 -26.86
C LEU B 12 -38.03 -18.14 -27.03
N THR B 13 -38.35 -17.12 -27.84
CA THR B 13 -37.39 -16.07 -28.13
C THR B 13 -36.99 -15.26 -26.91
N THR B 14 -37.98 -14.81 -26.14
CA THR B 14 -37.71 -13.96 -24.98
C THR B 14 -37.07 -14.69 -23.80
N VAL B 15 -37.65 -15.83 -23.44
CA VAL B 15 -37.20 -16.58 -22.27
C VAL B 15 -35.79 -17.16 -22.48
N SER B 16 -35.39 -17.36 -23.73
CA SER B 16 -34.04 -17.82 -24.01
C SER B 16 -33.03 -16.81 -23.46
N PHE B 17 -33.39 -15.53 -23.55
CA PHE B 17 -32.59 -14.45 -23.00
C PHE B 17 -32.70 -14.27 -21.49
N LEU B 18 -33.63 -14.99 -20.85
CA LEU B 18 -33.82 -14.84 -19.40
C LEU B 18 -32.56 -15.07 -18.56
N PRO B 19 -31.81 -16.17 -18.80
CA PRO B 19 -30.60 -16.38 -17.97
C PRO B 19 -29.61 -15.22 -18.07
N ALA B 20 -29.55 -14.58 -19.24
CA ALA B 20 -28.68 -13.44 -19.44
C ALA B 20 -29.10 -12.27 -18.54
N VAL B 21 -30.41 -12.02 -18.46
CA VAL B 21 -30.92 -10.93 -17.64
C VAL B 21 -30.61 -11.19 -16.17
N LEU B 22 -30.69 -12.45 -15.77
CA LEU B 22 -30.35 -12.84 -14.39
C LEU B 22 -28.87 -12.63 -14.05
N ARG B 23 -27.96 -12.87 -14.99
CA ARG B 23 -26.54 -12.63 -14.72
C ARG B 23 -26.24 -11.13 -14.62
N VAL B 24 -26.98 -10.30 -15.35
CA VAL B 24 -26.81 -8.85 -15.22
C VAL B 24 -27.25 -8.41 -13.84
N VAL B 25 -28.33 -9.01 -13.35
CA VAL B 25 -28.84 -8.70 -12.02
C VAL B 25 -27.88 -9.18 -10.95
N MET B 26 -27.23 -10.31 -11.22
CA MET B 26 -26.34 -10.94 -10.25
C MET B 26 -25.01 -10.19 -10.09
N THR B 27 -24.74 -9.24 -10.99
CA THR B 27 -23.49 -8.50 -10.95
C THR B 27 -23.43 -7.55 -9.76
N LYS B 28 -24.56 -7.33 -9.11
CA LYS B 28 -24.61 -6.41 -7.97
C LYS B 28 -24.30 -7.20 -6.72
N GLN B 29 -24.89 -8.37 -6.60
CA GLN B 29 -24.56 -9.30 -5.53
C GLN B 29 -23.04 -9.51 -5.44
N THR B 30 -22.36 -9.56 -6.59
CA THR B 30 -20.96 -9.98 -6.60
C THR B 30 -20.04 -8.82 -6.29
N ARG B 31 -20.59 -7.61 -6.41
CA ARG B 31 -19.87 -6.43 -5.96
C ARG B 31 -19.94 -6.38 -4.44
N ASP B 32 -21.04 -6.84 -3.88
CA ASP B 32 -21.22 -6.78 -2.43
C ASP B 32 -20.38 -7.85 -1.76
N ILE B 33 -20.22 -8.96 -2.47
CA ILE B 33 -19.31 -10.02 -2.06
C ILE B 33 -17.87 -9.55 -2.16
N SER B 34 -17.57 -8.85 -3.24
CA SER B 34 -16.20 -8.42 -3.49
C SER B 34 -15.77 -7.36 -2.49
N ARG B 35 -16.72 -6.55 -2.01
CA ARG B 35 -16.34 -5.54 -1.01
C ARG B 35 -16.08 -6.24 0.33
N ASN B 36 -16.82 -7.31 0.62
CA ASN B 36 -16.53 -8.11 1.81
C ASN B 36 -15.21 -8.84 1.66
N MET B 37 -14.94 -9.31 0.46
CA MET B 37 -13.68 -9.99 0.14
C MET B 37 -12.49 -9.07 0.31
N TYR B 38 -12.63 -7.83 -0.15
CA TYR B 38 -11.53 -6.87 -0.06
C TYR B 38 -11.18 -6.57 1.39
N ILE B 39 -12.22 -6.41 2.22
CA ILE B 39 -12.01 -6.19 3.65
C ILE B 39 -11.29 -7.39 4.22
N MET B 40 -11.75 -8.56 3.80
CA MET B 40 -11.16 -9.83 4.21
C MET B 40 -9.70 -9.92 3.79
N PHE B 41 -9.42 -9.59 2.54
CA PHE B 41 -8.07 -9.62 2.01
C PHE B 41 -7.18 -8.59 2.70
N PHE B 42 -7.75 -7.43 3.00
CA PHE B 42 -7.04 -6.34 3.65
C PHE B 42 -6.55 -6.73 5.04
N LEU B 43 -7.43 -7.33 5.82
CA LEU B 43 -7.09 -7.78 7.17
C LEU B 43 -6.01 -8.85 7.11
N GLY B 44 -6.07 -9.70 6.10
CA GLY B 44 -5.07 -10.75 5.93
C GLY B 44 -3.69 -10.17 5.73
N VAL B 45 -3.60 -9.11 4.93
CA VAL B 45 -2.32 -8.47 4.63
C VAL B 45 -1.66 -7.79 5.84
N VAL B 46 -2.46 -7.13 6.69
CA VAL B 46 -1.89 -6.52 7.89
C VAL B 46 -1.30 -7.59 8.80
N LEU B 47 -2.00 -8.72 8.95
CA LEU B 47 -1.49 -9.82 9.75
C LEU B 47 -0.24 -10.42 9.12
N TRP B 48 -0.22 -10.48 7.79
CA TRP B 48 0.96 -10.94 7.07
C TRP B 48 2.11 -9.97 7.34
N PHE B 49 1.79 -8.69 7.41
CA PHE B 49 2.78 -7.65 7.68
C PHE B 49 3.38 -7.89 9.06
N VAL B 50 2.49 -8.05 10.04
CA VAL B 50 2.90 -8.33 11.41
C VAL B 50 3.68 -9.65 11.46
N TYR B 51 3.22 -10.63 10.70
CA TYR B 51 3.87 -11.93 10.65
C TYR B 51 5.26 -11.84 10.03
N GLY B 52 5.37 -11.05 8.97
CA GLY B 52 6.62 -10.88 8.27
C GLY B 52 7.71 -10.27 9.12
N ILE B 53 7.34 -9.30 9.96
CA ILE B 53 8.29 -8.65 10.86
C ILE B 53 8.84 -9.65 11.87
N LEU B 54 7.94 -10.40 12.49
CA LEU B 54 8.28 -11.35 13.53
C LEU B 54 9.15 -12.50 13.04
N ARG B 55 9.06 -12.80 11.74
CA ARG B 55 9.84 -13.88 11.15
C ARG B 55 10.95 -13.33 10.28
N SER B 56 11.09 -12.01 10.28
CA SER B 56 12.08 -11.30 9.47
C SER B 56 11.93 -11.65 8.00
N ASP B 57 10.68 -11.76 7.55
CA ASP B 57 10.42 -12.10 6.16
C ASP B 57 9.93 -10.89 5.38
N LEU B 58 10.86 -10.18 4.73
CA LEU B 58 10.52 -9.01 3.93
C LEU B 58 9.75 -9.35 2.63
N PRO B 59 10.17 -10.42 1.91
CA PRO B 59 9.45 -10.78 0.67
C PRO B 59 7.97 -11.01 0.89
N ILE B 60 7.61 -11.64 2.01
CA ILE B 60 6.20 -11.85 2.34
C ILE B 60 5.48 -10.52 2.49
N ILE B 61 6.11 -9.60 3.21
CA ILE B 61 5.53 -8.30 3.44
C ILE B 61 5.39 -7.53 2.13
N LEU B 62 6.45 -7.52 1.33
CA LEU B 62 6.44 -6.79 0.07
C LEU B 62 5.38 -7.32 -0.88
N ALA B 63 5.30 -8.65 -0.99
CA ALA B 63 4.38 -9.27 -1.93
C ALA B 63 2.93 -8.93 -1.60
N ASN B 64 2.55 -9.07 -0.34
CA ASN B 64 1.17 -8.81 0.05
C ASN B 64 0.74 -7.34 0.02
N VAL B 65 1.63 -6.43 0.41
CA VAL B 65 1.30 -5.00 0.35
C VAL B 65 1.18 -4.51 -1.09
N VAL B 66 2.09 -4.93 -1.95
CA VAL B 66 2.05 -4.55 -3.37
C VAL B 66 0.81 -5.15 -4.03
N THR B 67 0.52 -6.40 -3.70
CA THR B 67 -0.67 -7.07 -4.24
C THR B 67 -1.92 -6.34 -3.76
N LEU B 68 -1.90 -5.86 -2.53
CA LEU B 68 -2.99 -5.07 -1.99
C LEU B 68 -3.18 -3.78 -2.77
N PHE B 69 -2.07 -3.16 -3.14
CA PHE B 69 -2.09 -1.91 -3.88
C PHE B 69 -2.83 -2.12 -5.20
N PHE B 70 -2.44 -3.16 -5.91
CA PHE B 70 -2.99 -3.48 -7.21
C PHE B 70 -4.47 -3.82 -7.14
N VAL B 71 -4.84 -4.66 -6.17
CA VAL B 71 -6.21 -5.08 -6.00
C VAL B 71 -7.08 -3.87 -5.67
N THR B 72 -6.55 -2.96 -4.86
CA THR B 72 -7.26 -1.73 -4.54
C THR B 72 -7.46 -0.89 -5.79
N ILE B 73 -6.43 -0.82 -6.63
CA ILE B 73 -6.52 -0.10 -7.90
C ILE B 73 -7.58 -0.73 -8.78
N ILE B 74 -7.51 -2.04 -8.96
CA ILE B 74 -8.45 -2.74 -9.82
C ILE B 74 -9.90 -2.59 -9.36
N LEU B 75 -10.15 -2.78 -8.07
CA LEU B 75 -11.52 -2.71 -7.56
C LEU B 75 -12.13 -1.33 -7.37
N TYR B 76 -11.32 -0.29 -7.26
CA TYR B 76 -11.88 1.02 -6.98
C TYR B 76 -11.31 2.19 -7.75
N TYR B 77 -10.57 1.93 -8.82
CA TYR B 77 -10.07 3.03 -9.62
C TYR B 77 -11.25 3.55 -10.43
N LYS B 78 -11.63 4.79 -10.18
CA LYS B 78 -12.66 5.43 -10.99
C LYS B 78 -12.18 5.50 -12.42
N LEU B 79 -12.99 4.93 -13.31
CA LEU B 79 -12.68 4.86 -14.72
C LEU B 79 -12.71 6.26 -15.32
N THR B 80 -11.82 6.53 -16.27
CA THR B 80 -11.65 7.88 -16.81
C THR B 80 -12.77 8.36 -17.74
N GLU B 81 -12.93 9.68 -17.79
CA GLU B 81 -13.91 10.36 -18.65
C GLU B 81 -15.33 10.01 -18.19
N MET C 1 2.92 18.53 -21.36
CA MET C 1 1.62 17.92 -21.07
C MET C 1 1.52 17.71 -19.56
N GLU C 2 0.30 17.65 -19.05
CA GLU C 2 0.12 17.63 -17.60
C GLU C 2 0.57 16.31 -17.01
N ASN C 3 0.43 15.21 -17.76
CA ASN C 3 0.87 13.92 -17.28
C ASN C 3 2.39 13.84 -17.26
N LEU C 4 3.02 14.55 -18.19
CA LEU C 4 4.47 14.63 -18.23
C LEU C 4 5.01 15.23 -16.94
N ILE C 5 4.38 16.31 -16.51
CA ILE C 5 4.77 16.98 -15.28
C ILE C 5 4.57 16.06 -14.08
N GLY C 6 3.43 15.36 -14.06
CA GLY C 6 3.11 14.47 -12.96
C GLY C 6 4.09 13.33 -12.81
N TYR C 7 4.45 12.71 -13.93
CA TYR C 7 5.41 11.60 -13.88
C TYR C 7 6.82 12.05 -13.50
N VAL C 8 7.27 13.17 -14.06
CA VAL C 8 8.58 13.70 -13.71
C VAL C 8 8.60 14.08 -12.23
N ALA C 9 7.50 14.66 -11.76
CA ALA C 9 7.37 15.02 -10.35
C ALA C 9 7.42 13.77 -9.49
N ALA C 10 6.70 12.74 -9.92
CA ALA C 10 6.66 11.46 -9.21
C ALA C 10 8.06 10.85 -9.17
N PHE C 11 8.78 10.97 -10.29
CA PHE C 11 10.13 10.45 -10.38
C PHE C 11 11.08 11.18 -9.45
N LEU C 12 11.07 12.51 -9.50
CA LEU C 12 12.02 13.32 -8.73
C LEU C 12 11.83 13.15 -7.23
N THR C 13 10.59 13.18 -6.77
CA THR C 13 10.30 13.03 -5.34
C THR C 13 10.69 11.65 -4.81
N THR C 14 10.32 10.60 -5.53
CA THR C 14 10.57 9.24 -5.06
C THR C 14 12.05 8.89 -5.05
N VAL C 15 12.76 9.23 -6.12
CA VAL C 15 14.19 8.91 -6.21
C VAL C 15 14.97 9.72 -5.17
N SER C 16 14.45 10.89 -4.79
CA SER C 16 15.08 11.68 -3.74
C SER C 16 15.07 10.91 -2.42
N PHE C 17 14.01 10.13 -2.20
CA PHE C 17 13.88 9.30 -1.01
C PHE C 17 14.77 8.05 -1.05
N LEU C 18 15.30 7.73 -2.24
CA LEU C 18 16.10 6.53 -2.44
C LEU C 18 17.36 6.44 -1.53
N PRO C 19 18.16 7.53 -1.42
CA PRO C 19 19.33 7.40 -0.54
C PRO C 19 18.98 7.05 0.91
N ALA C 20 17.81 7.51 1.36
CA ALA C 20 17.38 7.27 2.73
C ALA C 20 17.14 5.79 3.05
N VAL C 21 16.46 5.09 2.15
CA VAL C 21 16.15 3.68 2.40
C VAL C 21 17.43 2.87 2.47
N LEU C 22 18.43 3.27 1.69
CA LEU C 22 19.72 2.61 1.66
C LEU C 22 20.48 2.66 3.00
N ARG C 23 20.41 3.79 3.71
CA ARG C 23 21.12 3.88 4.98
C ARG C 23 20.39 3.02 6.02
N VAL C 24 19.08 2.90 5.85
CA VAL C 24 18.23 2.07 6.71
C VAL C 24 18.50 0.58 6.50
N VAL C 25 18.81 0.17 5.27
CA VAL C 25 19.09 -1.25 5.02
C VAL C 25 20.36 -1.66 5.76
N MET C 26 21.32 -0.73 5.82
CA MET C 26 22.60 -0.95 6.49
C MET C 26 22.48 -0.84 8.01
N THR C 27 21.29 -1.04 8.55
CA THR C 27 21.05 -0.84 9.98
C THR C 27 21.73 -1.90 10.84
N LYS C 28 21.88 -3.10 10.30
CA LYS C 28 22.47 -4.18 11.10
C LYS C 28 23.95 -3.90 11.25
N GLN C 29 24.65 -3.70 10.13
CA GLN C 29 26.06 -3.30 10.17
C GLN C 29 26.33 -2.11 11.10
N THR C 30 25.47 -1.10 11.05
CA THR C 30 25.75 0.19 11.70
C THR C 30 25.67 0.11 13.23
N ARG C 31 24.69 -0.63 13.72
CA ARG C 31 24.52 -0.84 15.15
C ARG C 31 25.59 -1.75 15.75
N ASP C 32 26.03 -2.76 15.02
CA ASP C 32 27.03 -3.67 15.57
C ASP C 32 28.37 -2.97 15.60
N ILE C 33 28.55 -1.99 14.72
CA ILE C 33 29.68 -1.09 14.79
C ILE C 33 29.59 -0.17 16.00
N SER C 34 28.41 0.38 16.24
CA SER C 34 28.23 1.32 17.36
C SER C 34 28.22 0.60 18.71
N ARG C 35 27.73 -0.63 18.74
CA ARG C 35 27.71 -1.41 19.97
C ARG C 35 29.08 -1.92 20.36
N ASN C 36 29.86 -2.32 19.36
CA ASN C 36 31.24 -2.76 19.59
C ASN C 36 32.11 -1.60 20.06
N MET C 37 31.82 -0.40 19.56
CA MET C 37 32.56 0.78 19.96
C MET C 37 32.41 1.03 21.46
N TYR C 38 31.19 0.96 21.96
CA TYR C 38 30.95 1.19 23.39
C TYR C 38 31.61 0.14 24.27
N ILE C 39 31.52 -1.13 23.86
CA ILE C 39 32.14 -2.20 24.63
C ILE C 39 33.66 -2.02 24.68
N MET C 40 34.24 -1.72 23.54
CA MET C 40 35.68 -1.56 23.41
C MET C 40 36.16 -0.37 24.25
N PHE C 41 35.43 0.75 24.15
CA PHE C 41 35.74 1.95 24.93
C PHE C 41 35.57 1.71 26.42
N PHE C 42 34.53 0.94 26.76
CA PHE C 42 34.23 0.62 28.16
C PHE C 42 35.39 -0.13 28.81
N LEU C 43 35.91 -1.13 28.10
CA LEU C 43 37.04 -1.91 28.60
C LEU C 43 38.27 -1.02 28.77
N GLY C 44 38.47 -0.11 27.83
CA GLY C 44 39.61 0.78 27.87
C GLY C 44 39.57 1.66 29.11
N VAL C 45 38.39 2.19 29.41
CA VAL C 45 38.22 3.06 30.56
C VAL C 45 38.43 2.31 31.88
N VAL C 46 37.94 1.08 31.96
CA VAL C 46 38.14 0.25 33.15
C VAL C 46 39.62 -0.04 33.38
N LEU C 47 40.32 -0.40 32.31
CA LEU C 47 41.75 -0.69 32.38
C LEU C 47 42.55 0.56 32.74
N TRP C 48 42.13 1.70 32.21
CA TRP C 48 42.76 2.97 32.53
C TRP C 48 42.61 3.25 34.01
N PHE C 49 41.44 2.90 34.55
CA PHE C 49 41.13 3.13 35.95
C PHE C 49 42.10 2.32 36.81
N VAL C 50 42.25 1.05 36.47
CA VAL C 50 43.19 0.17 37.16
C VAL C 50 44.61 0.72 37.02
N TYR C 51 44.91 1.22 35.83
CA TYR C 51 46.22 1.76 35.54
C TYR C 51 46.51 2.98 36.40
N GLY C 52 45.50 3.83 36.58
CA GLY C 52 45.66 5.01 37.41
C GLY C 52 45.91 4.62 38.85
N ILE C 53 45.22 3.58 39.30
CA ILE C 53 45.39 3.07 40.65
C ILE C 53 46.82 2.53 40.82
N LEU C 54 47.27 1.74 39.85
CA LEU C 54 48.60 1.14 39.91
C LEU C 54 49.73 2.17 39.86
N ARG C 55 49.44 3.35 39.29
CA ARG C 55 50.47 4.38 39.19
C ARG C 55 50.25 5.50 40.19
N SER C 56 49.21 5.36 41.02
CA SER C 56 48.84 6.38 41.99
C SER C 56 48.63 7.71 41.29
N ASP C 57 47.98 7.66 40.14
CA ASP C 57 47.72 8.84 39.33
C ASP C 57 46.27 9.28 39.44
N LEU C 58 46.01 10.30 40.25
CA LEU C 58 44.65 10.79 40.45
C LEU C 58 43.99 11.34 39.19
N PRO C 59 44.73 12.11 38.37
CA PRO C 59 44.06 12.57 37.15
C PRO C 59 43.55 11.44 36.27
N ILE C 60 44.32 10.36 36.10
CA ILE C 60 43.84 9.22 35.33
C ILE C 60 42.63 8.61 36.04
N ILE C 61 42.73 8.46 37.36
CA ILE C 61 41.63 7.92 38.16
C ILE C 61 40.41 8.84 38.07
N LEU C 62 40.63 10.13 38.25
CA LEU C 62 39.54 11.10 38.22
C LEU C 62 38.85 11.10 36.87
N ALA C 63 39.66 11.14 35.81
CA ALA C 63 39.13 11.22 34.47
C ALA C 63 38.30 9.97 34.17
N ASN C 64 38.88 8.81 34.45
CA ASN C 64 38.19 7.56 34.14
C ASN C 64 37.00 7.24 35.03
N VAL C 65 37.03 7.62 36.30
CA VAL C 65 35.87 7.37 37.15
C VAL C 65 34.66 8.16 36.61
N VAL C 66 34.88 9.40 36.21
CA VAL C 66 33.80 10.22 35.66
C VAL C 66 33.29 9.70 34.32
N THR C 67 34.20 9.41 33.40
CA THR C 67 33.82 8.89 32.08
C THR C 67 33.22 7.50 32.16
N LEU C 68 33.70 6.68 33.09
CA LEU C 68 33.15 5.33 33.27
C LEU C 68 31.69 5.51 33.65
N PHE C 69 31.41 6.51 34.45
CA PHE C 69 30.04 6.81 34.80
C PHE C 69 29.21 7.23 33.58
N PHE C 70 29.77 8.06 32.70
CA PHE C 70 29.04 8.54 31.54
C PHE C 70 28.59 7.40 30.63
N VAL C 71 29.52 6.49 30.35
CA VAL C 71 29.23 5.37 29.46
C VAL C 71 28.16 4.46 30.09
N THR C 72 28.19 4.33 31.41
CA THR C 72 27.19 3.53 32.10
C THR C 72 25.79 4.12 31.91
N ILE C 73 25.68 5.45 31.96
CA ILE C 73 24.40 6.10 31.70
C ILE C 73 23.93 5.77 30.30
N ILE C 74 24.82 5.94 29.34
CA ILE C 74 24.52 5.64 27.95
C ILE C 74 24.16 4.16 27.82
N LEU C 75 24.93 3.30 28.46
CA LEU C 75 24.65 1.87 28.43
C LEU C 75 23.49 1.49 29.36
N TYR C 76 23.08 2.38 30.25
CA TYR C 76 21.90 2.08 31.06
C TYR C 76 20.72 2.34 30.16
N TYR C 77 20.98 3.11 29.12
CA TYR C 77 19.99 3.33 28.09
C TYR C 77 20.07 2.23 27.04
N LYS C 78 20.76 1.15 27.39
CA LYS C 78 20.68 -0.09 26.62
C LYS C 78 19.24 -0.61 26.78
N LEU C 79 18.53 0.08 27.67
CA LEU C 79 17.14 -0.15 28.02
C LEU C 79 16.20 0.30 26.90
N THR C 80 16.58 1.39 26.24
CA THR C 80 15.77 2.08 25.24
C THR C 80 14.44 2.54 25.84
N MET D 1 52.50 22.38 39.68
CA MET D 1 52.57 22.37 38.22
C MET D 1 52.02 21.07 37.65
N GLU D 2 52.62 19.98 38.09
CA GLU D 2 52.44 18.67 37.47
C GLU D 2 51.04 18.07 37.61
N ASN D 3 50.52 18.02 38.82
CA ASN D 3 49.17 17.51 38.99
C ASN D 3 48.12 18.50 38.48
N LEU D 4 48.42 19.79 38.56
CA LEU D 4 47.49 20.82 38.09
C LEU D 4 47.14 20.65 36.61
N ILE D 5 48.16 20.36 35.79
CA ILE D 5 47.94 20.14 34.37
C ILE D 5 47.01 18.94 34.18
N GLY D 6 47.25 17.89 34.96
CA GLY D 6 46.46 16.68 34.90
C GLY D 6 45.01 16.88 35.27
N TYR D 7 44.76 17.65 36.32
CA TYR D 7 43.40 17.89 36.77
C TYR D 7 42.62 18.70 35.74
N VAL D 8 43.26 19.73 35.18
CA VAL D 8 42.62 20.54 34.15
C VAL D 8 42.34 19.70 32.90
N ALA D 9 43.27 18.81 32.57
CA ALA D 9 43.10 17.90 31.43
C ALA D 9 41.93 16.96 31.68
N ALA D 10 41.86 16.41 32.88
CA ALA D 10 40.79 15.49 33.24
C ALA D 10 39.44 16.20 33.16
N PHE D 11 39.41 17.45 33.60
CA PHE D 11 38.18 18.24 33.59
C PHE D 11 37.72 18.49 32.15
N LEU D 12 38.65 18.94 31.31
CA LEU D 12 38.34 19.30 29.92
C LEU D 12 37.86 18.09 29.12
N THR D 13 38.53 16.96 29.30
CA THR D 13 38.21 15.73 28.58
C THR D 13 36.79 15.26 28.92
N THR D 14 36.44 15.28 30.20
CA THR D 14 35.13 14.80 30.65
C THR D 14 33.99 15.71 30.19
N VAL D 15 34.16 17.03 30.32
CA VAL D 15 33.10 17.97 29.96
C VAL D 15 32.84 17.98 28.44
N SER D 16 33.87 17.66 27.66
CA SER D 16 33.72 17.56 26.22
C SER D 16 32.73 16.45 25.83
N PHE D 17 32.73 15.38 26.62
CA PHE D 17 31.85 14.24 26.39
C PHE D 17 30.38 14.50 26.79
N LEU D 18 30.16 15.59 27.52
CA LEU D 18 28.83 15.91 28.06
C LEU D 18 27.69 16.02 27.03
N PRO D 19 27.90 16.73 25.90
CA PRO D 19 26.80 16.86 24.94
C PRO D 19 26.27 15.50 24.47
N ALA D 20 27.16 14.51 24.39
CA ALA D 20 26.75 13.17 23.99
C ALA D 20 25.79 12.58 25.01
N VAL D 21 26.10 12.76 26.29
CA VAL D 21 25.27 12.20 27.35
C VAL D 21 23.87 12.82 27.36
N LEU D 22 23.79 14.11 27.07
CA LEU D 22 22.50 14.80 27.02
C LEU D 22 21.60 14.30 25.88
N ARG D 23 22.19 14.05 24.73
CA ARG D 23 21.44 13.57 23.58
C ARG D 23 20.99 12.11 23.73
N VAL D 24 21.80 11.30 24.42
CA VAL D 24 21.41 9.92 24.68
C VAL D 24 20.24 9.89 25.67
N VAL D 25 20.23 10.81 26.63
CA VAL D 25 19.15 10.85 27.61
C VAL D 25 17.82 11.22 26.98
N MET D 26 17.83 12.07 25.95
CA MET D 26 16.60 12.40 25.24
C MET D 26 16.20 11.24 24.31
N THR D 27 16.17 10.02 24.84
CA THR D 27 15.88 8.79 24.08
C THR D 27 14.41 8.57 23.71
N LYS D 28 13.53 8.51 24.70
CA LYS D 28 12.10 8.22 24.43
C LYS D 28 11.47 9.28 23.57
N GLN D 29 11.69 10.53 23.95
CA GLN D 29 11.20 11.71 23.23
C GLN D 29 11.48 11.65 21.74
N THR D 30 12.68 11.19 21.38
CA THR D 30 13.11 11.29 20.01
C THR D 30 12.67 10.08 19.22
N ARG D 31 12.47 8.95 19.91
CA ARG D 31 11.92 7.77 19.28
C ARG D 31 10.40 7.95 19.12
N ASP D 32 9.74 8.59 20.10
CA ASP D 32 8.29 8.76 20.00
C ASP D 32 7.84 9.92 19.12
N ILE D 33 8.69 10.92 18.95
CA ILE D 33 8.48 11.92 17.92
C ILE D 33 8.69 11.22 16.60
N SER D 34 9.70 10.36 16.53
CA SER D 34 9.95 9.66 15.29
C SER D 34 8.86 8.64 15.01
N ARG D 35 8.28 8.02 16.03
CA ARG D 35 7.23 7.06 15.73
C ARG D 35 5.97 7.77 15.25
N ASN D 36 5.68 8.94 15.81
CA ASN D 36 4.53 9.72 15.36
C ASN D 36 4.70 10.27 13.95
N MET D 37 5.91 10.68 13.60
CA MET D 37 6.17 11.20 12.26
C MET D 37 5.92 10.15 11.18
N TYR D 38 6.48 8.97 11.38
CA TYR D 38 6.33 7.90 10.39
C TYR D 38 4.90 7.40 10.32
N ILE D 39 4.24 7.27 11.48
CA ILE D 39 2.83 6.86 11.48
C ILE D 39 2.00 7.88 10.73
N MET D 40 2.23 9.16 11.01
CA MET D 40 1.51 10.24 10.35
C MET D 40 1.81 10.27 8.86
N PHE D 41 3.09 10.13 8.52
CA PHE D 41 3.50 10.15 7.13
C PHE D 41 2.91 8.95 6.40
N PHE D 42 2.91 7.80 7.07
CA PHE D 42 2.38 6.58 6.48
C PHE D 42 0.89 6.68 6.18
N LEU D 43 0.12 7.17 7.16
CA LEU D 43 -1.31 7.33 6.97
C LEU D 43 -1.60 8.32 5.86
N GLY D 44 -0.82 9.39 5.81
CA GLY D 44 -0.97 10.43 4.80
C GLY D 44 -0.73 9.91 3.39
N VAL D 45 0.31 9.10 3.23
CA VAL D 45 0.63 8.54 1.92
C VAL D 45 -0.47 7.58 1.47
N VAL D 46 -1.02 6.81 2.42
CA VAL D 46 -2.12 5.91 2.12
C VAL D 46 -3.32 6.70 1.61
N LEU D 47 -3.60 7.80 2.28
CA LEU D 47 -4.71 8.67 1.91
C LEU D 47 -4.49 9.30 0.55
N TRP D 48 -3.25 9.67 0.25
CA TRP D 48 -2.92 10.23 -1.05
C TRP D 48 -3.17 9.17 -2.12
N PHE D 49 -2.87 7.93 -1.77
CA PHE D 49 -3.04 6.80 -2.68
C PHE D 49 -4.50 6.62 -3.07
N VAL D 50 -5.37 6.53 -2.07
CA VAL D 50 -6.79 6.40 -2.30
C VAL D 50 -7.29 7.66 -3.02
N TYR D 51 -6.73 8.81 -2.67
CA TYR D 51 -7.12 10.07 -3.29
C TYR D 51 -6.79 10.04 -4.78
N GLY D 52 -5.61 9.51 -5.11
CA GLY D 52 -5.21 9.39 -6.50
C GLY D 52 -6.15 8.46 -7.24
N ILE D 53 -6.55 7.39 -6.55
CA ILE D 53 -7.51 6.44 -7.08
C ILE D 53 -8.85 7.15 -7.26
N LEU D 54 -9.28 7.87 -6.23
CA LEU D 54 -10.53 8.64 -6.26
C LEU D 54 -10.52 9.82 -7.24
N ARG D 55 -9.35 10.25 -7.68
CA ARG D 55 -9.25 11.36 -8.65
C ARG D 55 -8.84 10.93 -10.06
N SER D 56 -8.67 9.61 -10.26
CA SER D 56 -8.23 9.06 -11.54
C SER D 56 -6.89 9.68 -11.97
N ASP D 57 -6.01 9.87 -10.99
CA ASP D 57 -4.71 10.47 -11.23
C ASP D 57 -3.57 9.46 -11.20
N LEU D 58 -3.12 8.99 -12.36
CA LEU D 58 -2.05 7.99 -12.39
C LEU D 58 -0.72 8.49 -11.81
N PRO D 59 -0.31 9.74 -12.10
CA PRO D 59 0.93 10.18 -11.45
C PRO D 59 0.89 10.16 -9.93
N ILE D 60 -0.24 10.59 -9.35
CA ILE D 60 -0.38 10.57 -7.89
C ILE D 60 -0.32 9.15 -7.35
N ILE D 61 -1.03 8.25 -8.02
CA ILE D 61 -1.06 6.85 -7.62
C ILE D 61 0.33 6.22 -7.70
N LEU D 62 1.01 6.44 -8.82
CA LEU D 62 2.33 5.87 -9.03
C LEU D 62 3.30 6.34 -7.96
N ALA D 63 3.27 7.63 -7.66
CA ALA D 63 4.20 8.23 -6.72
C ALA D 63 4.05 7.64 -5.32
N ASN D 64 2.80 7.59 -4.85
CA ASN D 64 2.51 7.12 -3.50
C ASN D 64 2.72 5.62 -3.32
N VAL D 65 2.48 4.85 -4.37
CA VAL D 65 2.73 3.42 -4.31
C VAL D 65 4.22 3.16 -4.08
N VAL D 66 5.07 3.89 -4.79
CA VAL D 66 6.51 3.75 -4.63
C VAL D 66 7.01 4.18 -3.25
N THR D 67 6.54 5.32 -2.75
CA THR D 67 6.97 5.76 -1.43
C THR D 67 6.47 4.78 -0.37
N LEU D 68 5.26 4.26 -0.55
CA LEU D 68 4.71 3.25 0.37
C LEU D 68 5.57 2.01 0.36
N PHE D 69 6.04 1.65 -0.83
CA PHE D 69 6.94 0.52 -0.98
C PHE D 69 8.20 0.79 -0.17
N PHE D 70 8.73 2.00 -0.34
CA PHE D 70 9.93 2.44 0.35
C PHE D 70 9.73 2.50 1.86
N VAL D 71 8.62 3.10 2.28
CA VAL D 71 8.32 3.26 3.69
C VAL D 71 8.14 1.89 4.35
N THR D 72 7.56 0.96 3.60
CA THR D 72 7.34 -0.40 4.09
C THR D 72 8.66 -1.09 4.42
N ILE D 73 9.65 -0.91 3.54
CA ILE D 73 10.99 -1.44 3.75
C ILE D 73 11.60 -0.82 5.00
N ILE D 74 11.51 0.50 5.09
CA ILE D 74 12.05 1.26 6.21
C ILE D 74 11.41 0.82 7.53
N LEU D 75 10.10 0.61 7.51
CA LEU D 75 9.39 0.17 8.71
C LEU D 75 9.68 -1.29 9.01
N TYR D 76 10.29 -1.99 8.07
CA TYR D 76 10.62 -3.38 8.33
C TYR D 76 12.01 -3.50 8.91
N TYR D 77 12.86 -2.52 8.62
CA TYR D 77 14.20 -2.53 9.20
C TYR D 77 14.26 -1.87 10.57
N LYS D 78 13.47 -0.83 10.79
CA LYS D 78 13.37 -0.26 12.13
C LYS D 78 12.76 -1.22 13.15
N LEU D 79 11.68 -1.92 12.78
CA LEU D 79 11.07 -2.86 13.72
C LEU D 79 11.93 -4.10 13.96
N THR D 80 12.49 -4.70 12.91
CA THR D 80 13.32 -5.90 13.07
C THR D 80 14.73 -5.58 13.55
N GLU D 81 15.26 -4.44 13.11
CA GLU D 81 16.57 -3.94 13.53
C GLU D 81 17.70 -4.82 13.00
#